data_6AY6
#
_entry.id   6AY6
#
_cell.length_a   120.180
_cell.length_b   55.340
_cell.length_c   73.220
_cell.angle_alpha   90.000
_cell.angle_beta   100.800
_cell.angle_gamma   90.000
#
_symmetry.space_group_name_H-M   'C 1 2 1'
#
loop_
_entity.id
_entity.type
_entity.pdbx_description
1 polymer 'CYP51, sterol 14alpha-demethylase'
2 non-polymer Voriconazole
3 non-polymer 'PROTOPORPHYRIN IX CONTAINING FE'
4 water water
#
_entity_poly.entity_id   1
_entity_poly.type   'polypeptide(L)'
_entity_poly.pdbx_seq_one_letter_code
;MAKKTSSKGKLPPRVPNLIPYVGSFVSFAKNPVQFIIDNSKKYGDVFTATILGKEMTFLNHPKILDTFFKATDNELSLRD
VYRFMRPVFGTGVVYDADSTERMMEQVKFVSSGLTTARFRVFVDIFEDEIAHKVKELGPEGTVDVAELMADLIIFTASRC
LLGDEVRQYLSEKNLGKLYHDIDDGISPLSFFYPSLPAPKRDKARKAVGEIFQELLDKRREEHKKHPERLLDESKMDVVD
HLLTQKYKDGQELTDVHRIGILIAGLFAGQHTSSITSSWTLMNVISNKKVLEKVRKEQEEIMGSDKVLDYDKVMKMDYLE
ACMKEALRMYPPLIMIMRMARKPRECEQYIIPKGNILVVSPSVAGR(CSO)TDTYTNPDVFDPERLTERKEHEKFKYGAV
PFGAGRHKCIGENFALLQVKSIISILLRYFDMEYIGKIPDPSYTSLVVGPSPPTRMRYKLRKQQHHHHHH
;
_entity_poly.pdbx_strand_id   A
#
loop_
_chem_comp.id
_chem_comp.type
_chem_comp.name
_chem_comp.formula
HEM non-polymer 'PROTOPORPHYRIN IX CONTAINING FE' 'C34 H32 Fe N4 O4'
VOR non-polymer Voriconazole 'C16 H14 F3 N5 O'
#
# COMPACT_ATOMS: atom_id res chain seq x y z
N LYS A 10 31.56 -0.33 -18.20
CA LYS A 10 30.98 1.00 -18.53
C LYS A 10 30.06 1.49 -17.40
N LEU A 11 29.87 2.80 -17.33
CA LEU A 11 28.76 3.37 -16.58
C LEU A 11 27.57 3.44 -17.52
N PRO A 12 26.35 3.36 -16.97
CA PRO A 12 25.23 3.24 -17.89
C PRO A 12 24.98 4.52 -18.69
N PRO A 13 24.38 4.40 -19.89
CA PRO A 13 23.94 5.56 -20.67
C PRO A 13 23.16 6.56 -19.83
N ARG A 14 23.66 7.80 -19.78
CA ARG A 14 23.01 8.85 -19.00
C ARG A 14 21.87 9.44 -19.80
N VAL A 15 20.92 10.03 -19.09
CA VAL A 15 19.86 10.80 -19.74
C VAL A 15 20.26 12.26 -19.73
N PRO A 16 20.44 12.84 -20.93
CA PRO A 16 20.81 14.23 -21.10
C PRO A 16 20.01 15.17 -20.20
N ASN A 17 20.70 16.04 -19.50
CA ASN A 17 20.06 16.98 -18.62
C ASN A 17 19.54 18.18 -19.40
N LEU A 18 18.39 18.69 -18.98
CA LEU A 18 17.92 20.00 -19.40
C LEU A 18 18.84 21.08 -18.83
N ILE A 19 19.01 21.05 -17.51
CA ILE A 19 19.85 21.99 -16.76
C ILE A 19 20.83 21.21 -15.89
N PRO A 20 21.99 21.81 -15.55
CA PRO A 20 22.76 21.21 -14.46
C PRO A 20 22.01 21.28 -13.13
N TYR A 21 22.25 20.29 -12.27
CA TYR A 21 21.51 20.12 -11.01
C TYR A 21 20.09 19.57 -11.23
N VAL A 22 19.14 20.42 -11.59
CA VAL A 22 17.74 19.99 -11.82
C VAL A 22 17.71 18.75 -12.71
N GLY A 23 18.61 18.72 -13.70
CA GLY A 23 18.78 17.57 -14.57
C GLY A 23 17.52 17.29 -15.36
N SER A 24 16.93 16.13 -15.14
CA SER A 24 15.77 15.72 -15.92
C SER A 24 14.45 15.83 -15.11
N PHE A 25 14.45 16.64 -14.05
CA PHE A 25 13.27 16.72 -13.16
C PHE A 25 11.93 16.88 -13.90
N VAL A 26 11.91 17.73 -14.93
CA VAL A 26 10.65 18.24 -15.46
C VAL A 26 9.83 17.15 -16.15
N SER A 27 10.40 16.50 -17.16
CA SER A 27 9.70 15.44 -17.91
C SER A 27 9.44 14.22 -17.03
N PHE A 28 10.27 14.04 -16.01
CA PHE A 28 10.02 13.06 -14.95
C PHE A 28 8.76 13.40 -14.13
N ALA A 29 8.70 14.61 -13.58
CA ALA A 29 7.59 15.00 -12.69
C ALA A 29 6.25 15.15 -13.42
N LYS A 30 6.28 15.52 -14.70
CA LYS A 30 5.07 15.50 -15.52
C LYS A 30 4.43 14.14 -15.40
N ASN A 31 5.15 13.13 -15.89
CA ASN A 31 4.74 11.75 -15.74
C ASN A 31 5.93 10.81 -15.55
N PRO A 32 6.18 10.42 -14.29
CA PRO A 32 7.29 9.56 -13.89
C PRO A 32 7.35 8.23 -14.62
N VAL A 33 6.21 7.70 -15.04
CA VAL A 33 6.19 6.35 -15.57
C VAL A 33 6.48 6.37 -17.07
N GLN A 34 5.86 7.30 -17.79
CA GLN A 34 6.16 7.50 -19.19
C GLN A 34 7.60 7.92 -19.37
N PHE A 35 8.11 8.67 -18.40
CA PHE A 35 9.48 9.13 -18.41
C PHE A 35 10.46 7.95 -18.45
N ILE A 36 10.20 6.96 -17.61
CA ILE A 36 11.08 5.80 -17.52
C ILE A 36 10.99 4.96 -18.79
N ILE A 37 9.77 4.71 -19.24
CA ILE A 37 9.53 3.95 -20.47
C ILE A 37 10.13 4.67 -21.64
N ASP A 38 9.81 5.95 -21.76
CA ASP A 38 10.33 6.74 -22.85
C ASP A 38 11.76 6.39 -23.00
N ASN A 39 12.51 6.64 -21.95
CA ASN A 39 13.95 6.59 -22.03
C ASN A 39 14.53 5.18 -22.06
N SER A 40 13.74 4.19 -21.64
CA SER A 40 14.09 2.78 -21.85
C SER A 40 14.35 2.56 -23.33
N LYS A 41 13.37 2.92 -24.13
CA LYS A 41 13.44 2.76 -25.57
C LYS A 41 14.65 3.50 -26.19
N LYS A 42 14.99 4.67 -25.64
CA LYS A 42 16.19 5.40 -26.11
C LYS A 42 17.49 4.69 -25.70
N TYR A 43 17.58 4.28 -24.42
CA TYR A 43 18.88 3.85 -23.83
C TYR A 43 18.88 2.43 -23.26
N GLY A 44 17.79 1.70 -23.46
CA GLY A 44 17.73 0.30 -23.07
C GLY A 44 17.61 0.07 -21.56
N ASP A 45 17.64 -1.21 -21.19
CA ASP A 45 17.24 -1.69 -19.85
C ASP A 45 17.75 -0.85 -18.63
N VAL A 46 18.96 -0.29 -18.73
CA VAL A 46 19.57 0.43 -17.60
C VAL A 46 20.05 1.82 -18.04
N PHE A 47 19.65 2.85 -17.31
CA PHE A 47 20.15 4.21 -17.57
C PHE A 47 20.13 5.11 -16.34
N THR A 48 20.93 6.17 -16.40
CA THR A 48 21.06 7.10 -15.30
C THR A 48 20.48 8.44 -15.68
N ALA A 49 19.77 9.05 -14.74
CA ALA A 49 19.30 10.41 -14.92
C ALA A 49 19.63 11.20 -13.67
N THR A 50 20.00 12.46 -13.85
CA THR A 50 20.19 13.37 -12.73
C THR A 50 18.90 14.10 -12.44
N ILE A 51 18.38 13.92 -11.24
CA ILE A 51 17.16 14.55 -10.84
C ILE A 51 17.36 15.22 -9.50
N LEU A 52 17.17 16.54 -9.49
CA LEU A 52 17.44 17.40 -8.32
C LEU A 52 18.63 16.93 -7.50
N GLY A 53 19.82 17.06 -8.08
CA GLY A 53 21.07 16.78 -7.38
C GLY A 53 21.30 15.32 -7.03
N LYS A 54 20.48 14.41 -7.59
CA LYS A 54 20.61 13.00 -7.27
C LYS A 54 20.86 12.18 -8.51
N GLU A 55 21.81 11.25 -8.40
CA GLU A 55 22.05 10.25 -9.42
C GLU A 55 21.13 9.07 -9.22
N MET A 56 20.30 8.80 -10.23
CA MET A 56 19.22 7.83 -10.12
C MET A 56 19.25 6.91 -11.32
N THR A 57 19.39 5.62 -11.06
CA THR A 57 19.58 4.65 -12.11
C THR A 57 18.39 3.71 -12.16
N PHE A 58 17.76 3.65 -13.33
CA PHE A 58 16.54 2.89 -13.47
C PHE A 58 16.83 1.51 -14.09
N LEU A 59 16.25 0.48 -13.44
CA LEU A 59 16.36 -0.90 -13.91
C LEU A 59 14.99 -1.39 -14.49
N ASN A 60 14.90 -1.49 -15.81
CA ASN A 60 13.58 -1.49 -16.47
C ASN A 60 13.07 -2.84 -16.99
N HIS A 61 13.96 -3.80 -17.22
CA HIS A 61 13.55 -5.11 -17.76
C HIS A 61 13.56 -6.18 -16.66
N PRO A 62 12.44 -6.94 -16.54
CA PRO A 62 12.24 -7.96 -15.50
C PRO A 62 13.42 -8.92 -15.32
N LYS A 63 14.14 -9.20 -16.41
CA LYS A 63 15.36 -10.04 -16.40
C LYS A 63 16.37 -9.65 -15.31
N ILE A 64 16.72 -8.36 -15.23
CA ILE A 64 17.91 -7.92 -14.49
C ILE A 64 17.61 -7.53 -13.03
N LEU A 65 16.40 -7.83 -12.56
CA LEU A 65 15.94 -7.39 -11.23
C LEU A 65 16.17 -8.42 -10.11
N ASP A 66 17.06 -9.38 -10.34
CA ASP A 66 17.39 -10.36 -9.31
C ASP A 66 18.36 -9.77 -8.30
N THR A 67 19.41 -9.14 -8.83
CA THR A 67 20.47 -8.55 -8.04
C THR A 67 19.95 -7.41 -7.15
N PHE A 68 18.96 -6.68 -7.66
CA PHE A 68 18.27 -5.65 -6.89
C PHE A 68 17.54 -6.24 -5.68
N PHE A 69 16.62 -7.16 -5.90
CA PHE A 69 15.70 -7.60 -4.83
C PHE A 69 16.38 -8.53 -3.81
N LYS A 70 17.48 -9.16 -4.21
CA LYS A 70 18.18 -10.09 -3.29
C LYS A 70 19.38 -9.46 -2.59
N ALA A 71 19.68 -8.20 -2.87
CA ALA A 71 20.82 -7.55 -2.23
C ALA A 71 20.58 -7.38 -0.72
N THR A 72 21.64 -7.06 0.01
CA THR A 72 21.58 -6.95 1.45
C THR A 72 21.57 -5.49 1.81
N ASP A 73 21.21 -5.19 3.05
CA ASP A 73 20.96 -3.81 3.45
C ASP A 73 22.24 -2.99 3.60
N ASN A 74 23.40 -3.63 3.47
CA ASN A 74 24.65 -2.91 3.40
C ASN A 74 25.24 -2.89 1.98
N GLU A 75 24.66 -3.69 1.10
CA GLU A 75 24.77 -3.42 -0.34
C GLU A 75 23.75 -2.35 -0.74
N LEU A 76 22.47 -2.71 -0.84
CA LEU A 76 21.39 -1.76 -1.26
C LEU A 76 20.47 -1.37 -0.10
N SER A 77 20.39 -0.07 0.18
CA SER A 77 19.89 0.39 1.44
C SER A 77 18.51 1.01 1.29
N LEU A 78 17.56 0.55 2.08
CA LEU A 78 16.26 1.19 2.17
C LEU A 78 16.38 2.38 3.03
N ARG A 79 16.92 2.16 4.21
CA ARG A 79 16.97 3.17 5.25
C ARG A 79 17.50 4.50 4.74
N ASP A 80 18.43 4.46 3.79
CA ASP A 80 19.07 5.66 3.27
C ASP A 80 18.16 6.47 2.35
N VAL A 81 17.06 5.86 1.89
CA VAL A 81 16.17 6.49 0.87
C VAL A 81 14.75 6.80 1.37
N TYR A 82 14.26 6.04 2.36
CA TYR A 82 12.93 6.29 2.97
C TYR A 82 13.04 6.86 4.37
N ARG A 83 14.19 7.41 4.69
CA ARG A 83 14.42 7.96 6.01
C ARG A 83 13.57 9.20 6.19
N PHE A 84 13.38 9.94 5.10
CA PHE A 84 12.54 11.15 5.10
C PHE A 84 11.11 10.91 5.62
N MET A 85 10.70 9.64 5.76
CA MET A 85 9.37 9.32 6.32
C MET A 85 9.32 9.54 7.82
N ARG A 86 10.35 10.17 8.35
CA ARG A 86 10.63 10.13 9.76
C ARG A 86 9.70 11.08 10.55
N PRO A 87 9.37 12.28 9.98
CA PRO A 87 8.44 13.15 10.70
C PRO A 87 7.09 12.49 10.87
N VAL A 88 6.72 11.67 9.89
CA VAL A 88 5.49 10.90 9.96
C VAL A 88 5.64 9.77 10.97
N PHE A 89 6.61 8.90 10.77
CA PHE A 89 6.63 7.66 11.53
C PHE A 89 7.15 7.90 12.93
N GLY A 90 8.13 8.79 13.06
CA GLY A 90 8.85 8.99 14.33
C GLY A 90 10.32 8.62 14.24
N THR A 91 11.09 8.98 15.26
CA THR A 91 12.53 8.81 15.23
C THR A 91 12.93 7.36 15.63
N GLY A 92 14.00 6.86 15.04
CA GLY A 92 14.48 5.52 15.34
C GLY A 92 13.42 4.44 15.12
N VAL A 93 12.64 4.58 14.06
CA VAL A 93 11.51 3.66 13.83
C VAL A 93 11.47 3.19 12.38
N VAL A 94 11.58 1.88 12.19
CA VAL A 94 11.49 1.25 10.89
C VAL A 94 12.70 1.69 10.03
N TYR A 95 12.54 2.71 9.17
CA TYR A 95 13.58 3.06 8.19
C TYR A 95 14.54 4.11 8.73
N ASP A 96 14.10 4.78 9.79
CA ASP A 96 14.97 5.58 10.62
C ASP A 96 15.39 4.82 11.88
N ALA A 97 15.14 3.53 11.94
CA ALA A 97 15.55 2.78 13.13
C ALA A 97 17.06 2.55 13.11
N ASP A 98 17.62 2.27 14.28
CA ASP A 98 19.07 2.40 14.51
C ASP A 98 19.89 1.37 13.71
N SER A 99 19.25 0.28 13.27
CA SER A 99 19.91 -0.71 12.43
C SER A 99 18.94 -1.51 11.57
N THR A 100 19.37 -1.86 10.35
CA THR A 100 18.80 -2.98 9.61
C THR A 100 18.07 -3.98 10.50
N GLU A 101 18.81 -4.59 11.40
CA GLU A 101 18.31 -5.69 12.19
C GLU A 101 17.09 -5.26 13.02
N ARG A 102 17.15 -4.04 13.55
CA ARG A 102 16.08 -3.50 14.42
C ARG A 102 14.81 -3.17 13.65
N MET A 103 15.02 -2.58 12.48
CA MET A 103 13.96 -2.29 11.54
C MET A 103 13.13 -3.53 11.28
N MET A 104 13.81 -4.61 10.90
CA MET A 104 13.17 -5.90 10.65
C MET A 104 12.40 -6.41 11.85
N GLU A 105 12.97 -6.26 13.04
CA GLU A 105 12.27 -6.72 14.23
C GLU A 105 10.96 -5.96 14.44
N GLN A 106 10.90 -4.70 13.98
CA GLN A 106 9.72 -3.84 14.26
C GLN A 106 8.58 -4.14 13.27
N VAL A 107 8.95 -4.24 12.00
CA VAL A 107 8.10 -4.81 10.98
C VAL A 107 7.36 -6.06 11.45
N LYS A 108 8.09 -7.01 12.04
CA LYS A 108 7.51 -8.29 12.47
C LYS A 108 6.43 -8.10 13.54
N PHE A 109 6.57 -7.10 14.40
CA PHE A 109 5.55 -6.85 15.41
C PHE A 109 4.19 -6.55 14.77
N VAL A 110 4.23 -5.78 13.69
CA VAL A 110 3.06 -5.54 12.86
C VAL A 110 2.52 -6.87 12.30
N SER A 111 3.36 -7.56 11.56
CA SER A 111 2.94 -8.73 10.82
C SER A 111 2.42 -9.79 11.79
N SER A 112 2.89 -9.74 13.02
CA SER A 112 2.45 -10.66 14.09
C SER A 112 1.02 -10.41 14.60
N GLY A 113 0.38 -9.34 14.15
CA GLY A 113 -1.06 -9.16 14.38
C GLY A 113 -1.86 -9.35 13.10
N LEU A 114 -1.22 -9.97 12.10
CA LEU A 114 -1.83 -10.25 10.79
C LEU A 114 -1.91 -11.76 10.56
N THR A 115 -2.54 -12.45 11.50
CA THR A 115 -2.59 -13.90 11.50
C THR A 115 -4.00 -14.36 11.20
N THR A 116 -4.10 -15.57 10.66
CA THR A 116 -5.37 -16.24 10.38
C THR A 116 -6.46 -16.01 11.43
N ALA A 117 -6.19 -16.35 12.68
CA ALA A 117 -7.19 -16.18 13.74
C ALA A 117 -7.78 -14.77 13.68
N ARG A 118 -6.90 -13.79 13.52
CA ARG A 118 -7.33 -12.42 13.42
C ARG A 118 -8.12 -12.16 12.11
N PHE A 119 -7.59 -12.61 10.96
CA PHE A 119 -8.24 -12.39 9.63
C PHE A 119 -9.72 -12.79 9.64
N ARG A 120 -10.09 -13.71 10.53
CA ARG A 120 -11.48 -14.15 10.66
C ARG A 120 -12.31 -13.12 11.37
N VAL A 121 -11.72 -12.55 12.42
CA VAL A 121 -12.31 -11.42 13.13
C VAL A 121 -12.34 -10.19 12.27
N PHE A 122 -11.43 -10.11 11.29
CA PHE A 122 -11.31 -8.91 10.46
C PHE A 122 -12.49 -8.77 9.51
N VAL A 123 -13.16 -9.89 9.23
CA VAL A 123 -14.21 -9.94 8.24
C VAL A 123 -15.52 -9.50 8.87
N ASP A 124 -15.72 -9.86 10.14
CA ASP A 124 -16.79 -9.27 10.93
C ASP A 124 -16.62 -7.77 10.94
N ILE A 125 -15.39 -7.31 11.14
CA ILE A 125 -15.16 -5.90 11.21
C ILE A 125 -15.58 -5.22 9.90
N PHE A 126 -15.25 -5.82 8.74
CA PHE A 126 -15.60 -5.18 7.45
C PHE A 126 -17.13 -5.11 7.30
N GLU A 127 -17.80 -6.24 7.55
CA GLU A 127 -19.26 -6.27 7.65
C GLU A 127 -19.77 -5.11 8.53
N ASP A 128 -19.42 -5.16 9.81
CA ASP A 128 -19.81 -4.14 10.80
C ASP A 128 -19.65 -2.71 10.29
N GLU A 129 -18.49 -2.41 9.71
CA GLU A 129 -18.18 -1.04 9.29
C GLU A 129 -18.99 -0.60 8.06
N ILE A 130 -19.44 -1.57 7.28
CA ILE A 130 -20.09 -1.27 6.01
C ILE A 130 -21.61 -1.25 6.20
N ALA A 131 -22.06 -1.93 7.24
CA ALA A 131 -23.41 -1.81 7.72
C ALA A 131 -23.67 -0.36 8.15
N HIS A 132 -22.76 0.21 8.92
CA HIS A 132 -22.93 1.59 9.33
C HIS A 132 -22.91 2.50 8.13
N LYS A 133 -22.05 2.18 7.17
CA LYS A 133 -21.89 3.04 6.03
C LYS A 133 -23.13 3.07 5.16
N VAL A 134 -23.93 2.02 5.20
CA VAL A 134 -25.08 1.92 4.30
C VAL A 134 -26.24 2.79 4.76
N LYS A 135 -26.46 2.87 6.06
CA LYS A 135 -27.41 3.83 6.58
C LYS A 135 -27.01 5.22 6.09
N GLU A 136 -25.84 5.64 6.52
CA GLU A 136 -25.30 6.92 6.11
C GLU A 136 -25.38 7.19 4.59
N LEU A 137 -25.86 6.22 3.81
CA LEU A 137 -25.79 6.37 2.35
C LEU A 137 -27.17 6.36 1.71
N GLY A 138 -28.08 5.60 2.31
CA GLY A 138 -29.47 5.56 1.84
C GLY A 138 -29.67 4.74 0.57
N PRO A 139 -30.95 4.54 0.19
CA PRO A 139 -31.32 3.51 -0.80
C PRO A 139 -30.71 3.76 -2.18
N GLU A 140 -30.41 5.01 -2.49
CA GLU A 140 -29.66 5.32 -3.70
C GLU A 140 -28.99 6.68 -3.60
N GLY A 141 -28.16 6.99 -4.59
CA GLY A 141 -27.44 8.25 -4.63
C GLY A 141 -26.33 8.20 -5.67
N THR A 142 -25.41 9.14 -5.57
CA THR A 142 -24.08 8.94 -6.12
C THR A 142 -23.07 9.17 -5.02
N VAL A 143 -21.84 8.68 -5.22
CA VAL A 143 -20.75 8.94 -4.28
C VAL A 143 -19.39 8.80 -4.95
N ASP A 144 -18.38 9.43 -4.34
CA ASP A 144 -17.01 9.27 -4.77
C ASP A 144 -16.42 7.96 -4.23
N VAL A 145 -15.91 7.15 -5.16
CA VAL A 145 -15.37 5.83 -4.86
C VAL A 145 -14.18 6.02 -3.97
N ALA A 146 -13.31 6.93 -4.38
CA ALA A 146 -12.09 7.14 -3.65
C ALA A 146 -12.39 7.59 -2.21
N GLU A 147 -13.01 8.74 -2.02
CA GLU A 147 -13.45 9.11 -0.65
C GLU A 147 -14.08 7.91 0.07
N LEU A 148 -14.88 7.12 -0.65
CA LEU A 148 -15.64 6.03 -0.02
C LEU A 148 -14.74 4.91 0.48
N MET A 149 -13.81 4.48 -0.37
CA MET A 149 -12.86 3.45 0.00
C MET A 149 -12.03 3.89 1.21
N ALA A 150 -11.53 5.11 1.17
CA ALA A 150 -10.60 5.56 2.19
C ALA A 150 -11.33 5.75 3.52
N ASP A 151 -12.61 6.10 3.47
CA ASP A 151 -13.40 6.26 4.70
C ASP A 151 -13.56 4.93 5.38
N LEU A 152 -13.88 3.91 4.58
CA LEU A 152 -14.10 2.57 5.11
C LEU A 152 -12.81 2.04 5.73
N ILE A 153 -11.75 2.06 4.93
CA ILE A 153 -10.49 1.42 5.27
C ILE A 153 -9.93 2.08 6.52
N ILE A 154 -10.02 3.38 6.55
CA ILE A 154 -9.65 4.12 7.72
C ILE A 154 -10.30 3.58 8.99
N PHE A 155 -11.52 3.11 8.88
CA PHE A 155 -12.19 2.55 10.04
C PHE A 155 -11.82 1.11 10.20
N THR A 156 -11.75 0.36 9.11
CA THR A 156 -11.51 -1.07 9.20
C THR A 156 -10.07 -1.37 9.64
N ALA A 157 -9.11 -0.73 8.98
CA ALA A 157 -7.70 -0.89 9.37
C ALA A 157 -7.45 -0.57 10.85
N SER A 158 -7.98 0.55 11.35
CA SER A 158 -7.72 0.98 12.75
C SER A 158 -8.25 -0.05 13.75
N ARG A 159 -9.48 -0.47 13.58
CA ARG A 159 -10.00 -1.50 14.42
C ARG A 159 -9.19 -2.81 14.29
N CYS A 160 -8.79 -3.15 13.06
CA CYS A 160 -8.04 -4.39 12.80
C CYS A 160 -6.71 -4.42 13.54
N LEU A 161 -5.89 -3.39 13.32
CA LEU A 161 -4.53 -3.37 13.83
C LEU A 161 -4.45 -2.88 15.29
N LEU A 162 -5.34 -1.96 15.66
CA LEU A 162 -5.28 -1.32 16.96
C LEU A 162 -6.22 -1.99 17.97
N GLY A 163 -7.37 -2.46 17.50
CA GLY A 163 -8.42 -3.01 18.38
C GLY A 163 -9.69 -2.19 18.28
N ASP A 164 -10.75 -2.63 18.94
CA ASP A 164 -12.03 -1.93 18.88
C ASP A 164 -11.99 -0.62 19.67
N GLU A 165 -11.23 -0.63 20.75
CA GLU A 165 -11.07 0.56 21.59
C GLU A 165 -10.94 1.85 20.78
N VAL A 166 -10.34 1.75 19.58
CA VAL A 166 -10.00 2.95 18.78
C VAL A 166 -11.22 3.65 18.23
N ARG A 167 -12.31 2.92 18.06
CA ARG A 167 -13.43 3.46 17.37
C ARG A 167 -13.80 4.82 17.92
N GLN A 168 -14.14 4.86 19.21
CA GLN A 168 -14.77 6.05 19.79
C GLN A 168 -13.93 7.31 19.50
N TYR A 169 -12.62 7.16 19.49
CA TYR A 169 -11.73 8.27 19.10
C TYR A 169 -11.87 8.66 17.63
N LEU A 170 -12.38 7.73 16.80
CA LEU A 170 -12.70 8.04 15.38
C LEU A 170 -14.06 8.73 15.29
N SER A 171 -14.99 8.32 16.14
CA SER A 171 -16.36 8.80 16.07
C SER A 171 -16.53 10.11 16.86
N GLU A 172 -15.94 10.17 18.06
CA GLU A 172 -16.14 11.32 18.97
C GLU A 172 -15.00 12.36 18.93
N LYS A 173 -13.86 12.00 18.31
CA LYS A 173 -12.64 12.84 18.43
C LYS A 173 -11.88 13.04 17.09
N ASN A 174 -12.59 12.97 15.97
CA ASN A 174 -12.07 13.49 14.68
C ASN A 174 -10.77 12.83 14.16
N LEU A 175 -10.45 11.63 14.69
CA LEU A 175 -9.14 10.99 14.44
C LEU A 175 -8.85 10.78 12.94
N GLY A 176 -9.88 10.63 12.15
CA GLY A 176 -9.73 10.56 10.69
C GLY A 176 -9.08 11.81 10.11
N LYS A 177 -9.49 12.98 10.55
CA LYS A 177 -9.00 14.21 9.94
C LYS A 177 -7.52 14.30 10.16
N LEU A 178 -7.11 14.12 11.42
CA LEU A 178 -5.70 14.15 11.79
C LEU A 178 -4.83 13.29 10.85
N TYR A 179 -5.31 12.08 10.53
CA TYR A 179 -4.61 11.21 9.59
C TYR A 179 -4.36 11.96 8.28
N HIS A 180 -5.40 12.59 7.74
CA HIS A 180 -5.25 13.37 6.50
C HIS A 180 -4.25 14.51 6.67
N ASP A 181 -4.29 15.17 7.82
CA ASP A 181 -3.41 16.31 8.05
C ASP A 181 -1.96 15.85 8.13
N ILE A 182 -1.75 14.66 8.67
CA ILE A 182 -0.46 13.98 8.54
C ILE A 182 -0.24 13.56 7.08
N ASP A 183 -1.21 12.84 6.53
CA ASP A 183 -1.05 12.16 5.24
C ASP A 183 -1.13 13.11 4.02
N ASP A 184 -1.51 14.37 4.26
CA ASP A 184 -1.38 15.43 3.25
C ASP A 184 -0.10 16.23 3.47
N GLY A 185 0.42 16.19 4.69
CA GLY A 185 1.64 16.93 5.03
C GLY A 185 2.92 16.24 4.56
N ILE A 186 2.76 15.25 3.66
CA ILE A 186 3.88 14.56 2.97
C ILE A 186 3.67 14.65 1.46
N SER A 187 4.68 14.24 0.70
CA SER A 187 4.79 14.64 -0.70
C SER A 187 5.96 13.90 -1.38
N PRO A 188 5.88 13.68 -2.71
CA PRO A 188 7.01 13.01 -3.39
C PRO A 188 8.29 13.85 -3.39
N LEU A 189 8.13 15.15 -3.18
CA LEU A 189 9.25 16.10 -3.12
C LEU A 189 10.14 15.93 -1.87
N SER A 190 9.49 15.75 -0.71
CA SER A 190 10.18 15.43 0.56
C SER A 190 11.35 14.46 0.40
N PHE A 191 11.30 13.66 -0.67
CA PHE A 191 12.36 12.71 -0.99
C PHE A 191 13.63 13.46 -1.25
N PHE A 192 13.51 14.54 -2.00
CA PHE A 192 14.64 15.37 -2.31
C PHE A 192 14.87 16.43 -1.23
N TYR A 193 13.82 16.82 -0.51
CA TYR A 193 13.98 17.84 0.54
C TYR A 193 13.32 17.42 1.85
N PRO A 194 13.99 16.53 2.60
CA PRO A 194 13.40 16.04 3.84
C PRO A 194 13.06 17.16 4.82
N SER A 195 13.90 18.18 4.87
CA SER A 195 13.79 19.20 5.91
C SER A 195 12.70 20.24 5.63
N LEU A 196 12.15 20.27 4.41
CA LEU A 196 11.01 21.13 4.12
C LEU A 196 10.04 21.14 5.29
N PRO A 197 9.63 22.34 5.73
CA PRO A 197 8.79 22.46 6.92
C PRO A 197 7.33 22.16 6.60
N ALA A 198 6.64 21.55 7.55
CA ALA A 198 5.23 21.18 7.37
C ALA A 198 4.53 21.22 8.71
N PRO A 199 4.18 22.43 9.17
CA PRO A 199 3.81 22.64 10.57
C PRO A 199 2.45 22.05 10.96
N LYS A 200 1.50 22.04 10.01
CA LYS A 200 0.18 21.43 10.25
C LYS A 200 0.28 19.91 10.47
N ARG A 201 1.13 19.26 9.68
CA ARG A 201 1.43 17.81 9.85
C ARG A 201 2.01 17.52 11.23
N ASP A 202 3.08 18.24 11.57
CA ASP A 202 3.84 17.99 12.79
C ASP A 202 2.97 18.14 14.05
N LYS A 203 1.97 19.03 13.97
CA LYS A 203 1.05 19.28 15.09
C LYS A 203 0.04 18.14 15.20
N ALA A 204 -0.36 17.60 14.05
CA ALA A 204 -1.19 16.40 14.00
C ALA A 204 -0.44 15.17 14.52
N ARG A 205 0.74 14.91 13.98
CA ARG A 205 1.55 13.76 14.44
C ARG A 205 1.76 13.77 15.95
N LYS A 206 1.83 14.95 16.53
CA LYS A 206 1.85 15.05 17.99
C LYS A 206 0.48 14.75 18.56
N ALA A 207 -0.56 15.36 17.98
CA ALA A 207 -1.94 15.11 18.41
C ALA A 207 -2.27 13.60 18.34
N VAL A 208 -1.85 12.94 17.28
CA VAL A 208 -2.08 11.51 17.16
C VAL A 208 -1.25 10.75 18.20
N GLY A 209 -0.02 11.20 18.43
CA GLY A 209 0.82 10.60 19.44
C GLY A 209 0.05 10.45 20.74
N GLU A 210 -0.43 11.58 21.28
CA GLU A 210 -1.03 11.61 22.61
C GLU A 210 -2.11 10.54 22.69
N ILE A 211 -2.98 10.55 21.68
CA ILE A 211 -4.08 9.58 21.53
C ILE A 211 -3.64 8.11 21.54
N PHE A 212 -2.61 7.77 20.76
CA PHE A 212 -2.03 6.42 20.79
C PHE A 212 -1.37 6.12 22.13
N GLN A 213 -0.79 7.14 22.73
CA GLN A 213 -0.28 6.99 24.08
C GLN A 213 -1.44 6.74 25.05
N GLU A 214 -2.55 7.44 24.86
CA GLU A 214 -3.76 7.16 25.66
C GLU A 214 -4.25 5.73 25.44
N LEU A 215 -4.05 5.23 24.23
CA LEU A 215 -4.55 3.92 23.81
C LEU A 215 -3.75 2.79 24.47
N LEU A 216 -2.43 2.94 24.46
CA LEU A 216 -1.56 2.01 25.13
C LEU A 216 -1.84 2.01 26.63
N ASP A 217 -2.15 3.19 27.15
CA ASP A 217 -2.38 3.37 28.60
C ASP A 217 -3.66 2.69 29.05
N LYS A 218 -4.74 2.89 28.29
CA LYS A 218 -5.94 2.08 28.47
C LYS A 218 -5.62 0.59 28.40
N ARG A 219 -4.88 0.18 27.37
CA ARG A 219 -4.68 -1.25 27.12
C ARG A 219 -3.88 -1.94 28.23
N ARG A 220 -2.92 -1.23 28.82
CA ARG A 220 -2.10 -1.83 29.88
C ARG A 220 -2.94 -2.34 31.06
N GLU A 221 -3.95 -1.56 31.47
CA GLU A 221 -4.79 -1.95 32.62
C GLU A 221 -5.84 -3.01 32.24
N GLU A 222 -6.26 -3.02 30.97
CA GLU A 222 -7.18 -4.07 30.49
C GLU A 222 -6.46 -5.43 30.45
N HIS A 223 -5.13 -5.40 30.39
CA HIS A 223 -4.32 -6.60 30.59
C HIS A 223 -4.13 -6.93 32.07
N LYS A 224 -4.42 -5.95 32.94
CA LYS A 224 -4.53 -6.21 34.38
C LYS A 224 -5.91 -6.73 34.74
N LYS A 225 -6.95 -5.97 34.38
CA LYS A 225 -8.32 -6.37 34.64
C LYS A 225 -8.71 -7.69 33.91
N HIS A 226 -8.25 -7.87 32.67
CA HIS A 226 -8.53 -9.11 31.89
C HIS A 226 -7.26 -9.71 31.26
N PRO A 227 -6.47 -10.47 32.04
CA PRO A 227 -5.20 -11.05 31.56
C PRO A 227 -5.38 -12.26 30.62
N GLU A 228 -6.57 -12.85 30.62
CA GLU A 228 -6.90 -13.95 29.70
C GLU A 228 -6.78 -13.51 28.24
N ARG A 229 -7.09 -12.24 27.99
CA ARG A 229 -6.96 -11.64 26.66
C ARG A 229 -5.70 -12.11 25.92
N LEU A 230 -4.60 -12.28 26.68
CA LEU A 230 -3.27 -12.53 26.11
C LEU A 230 -3.08 -13.99 25.65
N LEU A 231 -4.02 -14.86 26.01
CA LEU A 231 -3.94 -16.27 25.62
C LEU A 231 -4.74 -16.53 24.34
N ASP A 232 -5.79 -15.73 24.13
CA ASP A 232 -6.70 -15.85 22.98
C ASP A 232 -6.11 -15.22 21.70
N GLU A 233 -5.76 -16.05 20.72
CA GLU A 233 -4.93 -15.64 19.58
C GLU A 233 -5.65 -14.69 18.60
N SER A 234 -6.96 -14.55 18.77
CA SER A 234 -7.79 -13.75 17.86
C SER A 234 -8.36 -12.48 18.52
N LYS A 235 -7.94 -12.20 19.75
CA LYS A 235 -8.12 -10.86 20.32
C LYS A 235 -6.76 -10.17 20.50
N MET A 236 -5.73 -10.78 19.91
CA MET A 236 -4.37 -10.25 19.98
C MET A 236 -4.10 -9.38 18.75
N ASP A 237 -4.39 -8.09 18.90
CA ASP A 237 -4.04 -7.08 17.88
C ASP A 237 -2.60 -6.57 18.03
N VAL A 238 -2.20 -5.63 17.18
CA VAL A 238 -0.82 -5.21 17.16
C VAL A 238 -0.42 -4.44 18.43
N VAL A 239 -1.36 -3.73 19.05
CA VAL A 239 -1.10 -3.05 20.32
C VAL A 239 -0.74 -4.10 21.33
N ASP A 240 -1.51 -5.17 21.35
CA ASP A 240 -1.25 -6.27 22.26
C ASP A 240 0.15 -6.85 22.06
N HIS A 241 0.53 -7.15 20.82
CA HIS A 241 1.85 -7.73 20.56
C HIS A 241 2.94 -6.75 20.96
N LEU A 242 2.72 -5.48 20.64
CA LEU A 242 3.68 -4.44 21.02
C LEU A 242 3.81 -4.25 22.54
N LEU A 243 2.79 -4.62 23.31
CA LEU A 243 2.85 -4.41 24.77
C LEU A 243 3.53 -5.56 25.52
N THR A 244 3.79 -6.67 24.83
CA THR A 244 4.25 -7.89 25.50
C THR A 244 5.39 -8.61 24.74
N GLN A 245 6.04 -7.89 23.83
CA GLN A 245 7.28 -8.37 23.21
C GLN A 245 8.47 -7.54 23.65
N LYS A 246 9.65 -8.17 23.68
CA LYS A 246 10.92 -7.47 23.73
C LYS A 246 11.62 -7.63 22.37
N TYR A 247 12.65 -6.85 22.14
CA TYR A 247 13.48 -7.08 20.96
C TYR A 247 14.17 -8.41 21.21
N LYS A 248 14.82 -8.99 20.21
CA LYS A 248 15.47 -10.31 20.41
C LYS A 248 16.66 -10.22 21.38
N ASP A 249 17.45 -9.17 21.26
CA ASP A 249 18.61 -8.99 22.14
C ASP A 249 18.26 -8.67 23.60
N GLY A 250 16.97 -8.78 23.96
CA GLY A 250 16.54 -8.62 25.37
C GLY A 250 15.90 -7.27 25.68
N GLN A 251 16.27 -6.25 24.90
CA GLN A 251 15.92 -4.86 25.24
C GLN A 251 14.42 -4.59 25.02
N GLU A 252 13.79 -3.90 25.99
CA GLU A 252 12.39 -3.47 25.89
C GLU A 252 12.21 -2.41 24.82
N LEU A 253 10.98 -2.24 24.36
CA LEU A 253 10.63 -1.12 23.54
C LEU A 253 10.13 0.02 24.40
N THR A 254 10.23 1.24 23.85
CA THR A 254 9.63 2.43 24.44
C THR A 254 8.27 2.73 23.78
N ASP A 255 7.40 3.45 24.47
CA ASP A 255 6.08 3.76 23.93
C ASP A 255 6.16 4.59 22.64
N VAL A 256 7.21 5.40 22.52
CA VAL A 256 7.32 6.30 21.40
C VAL A 256 7.83 5.57 20.14
N HIS A 257 8.50 4.42 20.36
CA HIS A 257 8.75 3.44 19.30
C HIS A 257 7.47 2.71 18.95
N ARG A 258 6.75 2.29 19.98
CA ARG A 258 5.51 1.56 19.79
C ARG A 258 4.57 2.37 18.93
N ILE A 259 4.38 3.62 19.34
CA ILE A 259 3.51 4.57 18.63
C ILE A 259 3.93 4.77 17.16
N GLY A 260 5.23 4.92 16.92
CA GLY A 260 5.73 5.14 15.55
C GLY A 260 5.62 3.92 14.65
N ILE A 261 5.50 2.74 15.27
CA ILE A 261 5.25 1.50 14.54
C ILE A 261 3.75 1.37 14.12
N LEU A 262 2.86 1.46 15.12
CA LEU A 262 1.41 1.62 14.89
C LEU A 262 1.08 2.60 13.77
N ILE A 263 1.57 3.82 13.91
CA ILE A 263 1.49 4.79 12.84
C ILE A 263 2.11 4.30 11.50
N ALA A 264 3.30 3.70 11.55
CA ALA A 264 3.93 3.24 10.29
C ALA A 264 3.07 2.19 9.62
N GLY A 265 2.47 1.32 10.44
CA GLY A 265 1.60 0.25 9.96
C GLY A 265 0.27 0.72 9.38
N LEU A 266 -0.36 1.71 10.03
CA LEU A 266 -1.63 2.27 9.54
C LEU A 266 -1.47 2.99 8.18
N PHE A 267 -0.31 3.60 7.98
CA PHE A 267 0.00 4.28 6.74
C PHE A 267 0.09 3.25 5.57
N ALA A 268 1.06 2.36 5.68
CA ALA A 268 1.05 1.08 4.95
C ALA A 268 -0.36 0.53 4.82
N GLY A 269 -1.06 0.45 5.95
CA GLY A 269 -2.32 -0.29 6.02
C GLY A 269 -3.47 0.30 5.21
N GLN A 270 -3.38 1.60 4.87
CA GLN A 270 -4.54 2.39 4.37
C GLN A 270 -4.41 2.77 2.89
N HIS A 271 -3.37 3.50 2.54
CA HIS A 271 -3.37 4.23 1.28
C HIS A 271 -3.27 3.28 0.08
N THR A 272 -2.40 2.28 0.15
CA THR A 272 -2.26 1.36 -0.97
C THR A 272 -3.52 0.53 -1.15
N SER A 273 -4.11 0.13 -0.03
CA SER A 273 -5.31 -0.70 -0.04
C SER A 273 -6.48 0.01 -0.73
N SER A 274 -6.72 1.25 -0.35
CA SER A 274 -7.96 1.89 -0.68
C SER A 274 -7.89 2.47 -2.07
N ILE A 275 -6.73 2.92 -2.49
CA ILE A 275 -6.52 3.13 -3.91
C ILE A 275 -6.79 1.86 -4.73
N THR A 276 -6.46 0.70 -4.18
CA THR A 276 -6.54 -0.54 -4.96
C THR A 276 -8.00 -1.00 -5.08
N SER A 277 -8.75 -0.84 -4.01
CA SER A 277 -10.19 -1.01 -4.05
C SER A 277 -10.81 -0.16 -5.12
N SER A 278 -10.53 1.12 -5.05
CA SER A 278 -11.05 2.07 -6.00
C SER A 278 -10.76 1.66 -7.41
N TRP A 279 -9.48 1.49 -7.75
CA TRP A 279 -9.15 1.12 -9.13
C TRP A 279 -9.91 -0.11 -9.54
N THR A 280 -10.10 -1.02 -8.60
CA THR A 280 -10.64 -2.33 -8.91
C THR A 280 -12.14 -2.26 -9.21
N LEU A 281 -12.91 -1.83 -8.21
CA LEU A 281 -14.35 -1.61 -8.36
C LEU A 281 -14.71 -0.80 -9.61
N MET A 282 -13.98 0.26 -9.87
CA MET A 282 -14.21 1.02 -11.09
C MET A 282 -14.14 0.09 -12.31
N ASN A 283 -13.10 -0.72 -12.44
CA ASN A 283 -12.96 -1.50 -13.67
C ASN A 283 -13.99 -2.62 -13.72
N VAL A 284 -14.29 -3.19 -12.56
CA VAL A 284 -15.22 -4.29 -12.49
C VAL A 284 -16.60 -3.83 -12.96
N ILE A 285 -17.18 -2.85 -12.26
CA ILE A 285 -18.52 -2.36 -12.61
C ILE A 285 -18.56 -1.67 -13.98
N SER A 286 -17.44 -1.13 -14.44
CA SER A 286 -17.44 -0.57 -15.79
C SER A 286 -17.22 -1.61 -16.90
N ASN A 287 -17.20 -2.89 -16.58
CA ASN A 287 -17.14 -3.94 -17.65
C ASN A 287 -18.05 -5.15 -17.37
N LYS A 288 -19.13 -5.24 -18.17
CA LYS A 288 -20.27 -6.13 -17.88
C LYS A 288 -19.87 -7.62 -17.81
N LYS A 289 -18.98 -8.03 -18.70
CA LYS A 289 -18.49 -9.41 -18.71
C LYS A 289 -17.74 -9.76 -17.41
N VAL A 290 -16.76 -8.93 -17.03
CA VAL A 290 -16.12 -9.02 -15.72
C VAL A 290 -17.11 -9.09 -14.55
N LEU A 291 -18.17 -8.27 -14.59
CA LEU A 291 -19.03 -8.07 -13.41
C LEU A 291 -20.01 -9.22 -13.30
N GLU A 292 -20.33 -9.86 -14.42
CA GLU A 292 -21.09 -11.08 -14.40
C GLU A 292 -20.33 -12.10 -13.55
N LYS A 293 -19.12 -12.40 -14.01
CA LYS A 293 -18.29 -13.42 -13.41
C LYS A 293 -18.00 -13.17 -11.92
N VAL A 294 -17.74 -11.92 -11.55
CA VAL A 294 -17.64 -11.62 -10.14
C VAL A 294 -18.97 -12.00 -9.43
N ARG A 295 -20.10 -11.57 -9.99
CA ARG A 295 -21.40 -11.88 -9.37
C ARG A 295 -21.75 -13.37 -9.46
N LYS A 296 -21.24 -14.04 -10.49
CA LYS A 296 -21.46 -15.48 -10.63
C LYS A 296 -20.71 -16.16 -9.52
N GLU A 297 -19.42 -15.85 -9.45
CA GLU A 297 -18.58 -16.28 -8.35
C GLU A 297 -19.15 -15.91 -6.98
N GLN A 298 -19.56 -14.66 -6.80
CA GLN A 298 -20.14 -14.22 -5.51
C GLN A 298 -21.29 -15.13 -5.08
N GLU A 299 -22.22 -15.36 -6.01
CA GLU A 299 -23.50 -16.04 -5.72
C GLU A 299 -23.33 -17.52 -5.35
N GLU A 300 -22.55 -18.24 -6.14
CA GLU A 300 -22.13 -19.61 -5.83
C GLU A 300 -21.58 -19.71 -4.41
N ILE A 301 -20.72 -18.75 -4.07
CA ILE A 301 -19.94 -18.82 -2.85
C ILE A 301 -20.76 -18.41 -1.59
N MET A 302 -21.73 -17.51 -1.72
CA MET A 302 -22.59 -17.18 -0.56
C MET A 302 -23.56 -18.31 -0.29
N GLY A 303 -23.93 -19.03 -1.34
CA GLY A 303 -25.05 -19.96 -1.27
C GLY A 303 -26.17 -19.41 -0.40
N SER A 304 -26.65 -20.23 0.54
CA SER A 304 -27.77 -19.86 1.39
C SER A 304 -27.36 -18.81 2.40
N ASP A 305 -26.07 -18.52 2.47
CA ASP A 305 -25.53 -17.79 3.59
C ASP A 305 -25.76 -16.31 3.43
N LYS A 306 -25.96 -15.62 4.54
CA LYS A 306 -26.39 -14.23 4.53
C LYS A 306 -25.26 -13.23 4.78
N VAL A 307 -24.16 -13.64 5.39
CA VAL A 307 -23.00 -12.75 5.50
C VAL A 307 -21.66 -13.44 5.33
N LEU A 308 -20.64 -12.62 5.13
CA LEU A 308 -19.33 -13.07 4.74
C LEU A 308 -18.60 -13.81 5.89
N ASP A 309 -17.62 -14.64 5.52
CA ASP A 309 -16.65 -15.18 6.46
C ASP A 309 -15.34 -15.41 5.69
N TYR A 310 -14.27 -15.76 6.42
CA TYR A 310 -12.94 -15.87 5.83
C TYR A 310 -12.82 -17.01 4.78
N ASP A 311 -13.38 -18.17 5.08
CA ASP A 311 -13.45 -19.23 4.08
C ASP A 311 -13.94 -18.66 2.76
N LYS A 312 -15.09 -18.00 2.81
CA LYS A 312 -15.71 -17.50 1.60
C LYS A 312 -14.74 -16.62 0.85
N VAL A 313 -14.09 -15.72 1.57
CA VAL A 313 -13.22 -14.76 0.93
C VAL A 313 -11.97 -15.44 0.35
N MET A 314 -11.51 -16.51 1.00
CA MET A 314 -10.43 -17.34 0.45
C MET A 314 -10.81 -17.84 -0.94
N LYS A 315 -12.05 -18.28 -1.08
CA LYS A 315 -12.54 -18.86 -2.33
C LYS A 315 -12.70 -17.87 -3.51
N MET A 316 -12.67 -16.56 -3.27
CA MET A 316 -12.96 -15.59 -4.35
C MET A 316 -11.84 -15.43 -5.41
N ASP A 317 -11.52 -16.51 -6.08
CA ASP A 317 -10.41 -16.48 -7.04
C ASP A 317 -10.55 -15.40 -8.10
N TYR A 318 -11.73 -15.29 -8.72
CA TYR A 318 -11.93 -14.34 -9.82
C TYR A 318 -11.82 -12.87 -9.35
N LEU A 319 -12.52 -12.53 -8.27
CA LEU A 319 -12.46 -11.17 -7.71
C LEU A 319 -11.00 -10.82 -7.42
N GLU A 320 -10.24 -11.82 -6.97
CA GLU A 320 -8.81 -11.67 -6.71
C GLU A 320 -8.00 -11.40 -7.99
N ALA A 321 -8.28 -12.13 -9.07
CA ALA A 321 -7.60 -11.86 -10.35
C ALA A 321 -7.80 -10.41 -10.76
N CYS A 322 -8.94 -9.86 -10.38
CA CYS A 322 -9.34 -8.50 -10.77
C CYS A 322 -8.57 -7.45 -10.00
N MET A 323 -8.55 -7.59 -8.69
CA MET A 323 -7.62 -6.87 -7.85
C MET A 323 -6.17 -6.89 -8.37
N LYS A 324 -5.68 -8.07 -8.75
CA LYS A 324 -4.34 -8.20 -9.33
C LYS A 324 -4.26 -7.43 -10.63
N GLU A 325 -5.22 -7.64 -11.50
CA GLU A 325 -5.24 -6.95 -12.78
C GLU A 325 -5.19 -5.41 -12.61
N ALA A 326 -5.88 -4.89 -11.59
CA ALA A 326 -5.82 -3.45 -11.21
C ALA A 326 -4.44 -3.02 -10.66
N LEU A 327 -3.76 -3.93 -9.96
CA LEU A 327 -2.38 -3.73 -9.50
C LEU A 327 -1.34 -3.77 -10.64
N ARG A 328 -1.63 -4.51 -11.70
CA ARG A 328 -0.74 -4.51 -12.86
C ARG A 328 -0.81 -3.18 -13.59
N MET A 329 -1.97 -2.55 -13.54
CA MET A 329 -2.20 -1.35 -14.29
C MET A 329 -2.04 -0.13 -13.44
N TYR A 330 -2.42 -0.22 -12.17
CA TYR A 330 -2.33 0.93 -11.31
C TYR A 330 -1.64 0.62 -9.97
N PRO A 331 -0.38 0.08 -10.00
CA PRO A 331 0.26 -0.07 -8.68
C PRO A 331 0.41 1.27 -8.00
N PRO A 332 0.11 1.33 -6.71
CA PRO A 332 0.11 2.63 -6.02
C PRO A 332 1.54 3.09 -5.59
N LEU A 333 2.44 2.14 -5.46
CA LEU A 333 3.84 2.44 -5.33
C LEU A 333 4.50 2.21 -6.69
N ILE A 334 4.65 3.30 -7.42
CA ILE A 334 5.11 3.26 -8.82
C ILE A 334 6.62 3.15 -8.92
N MET A 335 7.31 3.38 -7.80
CA MET A 335 8.79 3.32 -7.72
C MET A 335 9.29 2.66 -6.43
N ILE A 336 10.12 1.62 -6.59
CA ILE A 336 10.85 1.01 -5.47
C ILE A 336 12.28 1.46 -5.54
N MET A 337 12.87 1.83 -4.41
CA MET A 337 14.18 2.47 -4.41
C MET A 337 15.13 1.95 -3.33
N ARG A 338 16.41 1.86 -3.70
CA ARG A 338 17.48 1.53 -2.77
C ARG A 338 18.64 2.47 -3.05
N MET A 339 19.41 2.87 -2.03
CA MET A 339 20.70 3.49 -2.29
C MET A 339 21.81 2.46 -2.28
N ALA A 340 22.69 2.57 -3.29
CA ALA A 340 23.92 1.79 -3.35
C ALA A 340 24.95 2.31 -2.35
N ARG A 341 25.38 1.41 -1.46
CA ARG A 341 26.45 1.71 -0.50
C ARG A 341 27.76 1.15 -1.01
N LYS A 342 27.67 0.18 -1.91
CA LYS A 342 28.82 -0.34 -2.64
C LYS A 342 28.52 -0.20 -4.11
N PRO A 343 29.56 -0.11 -4.94
CA PRO A 343 29.27 -0.14 -6.36
C PRO A 343 28.54 -1.40 -6.71
N ARG A 344 27.82 -1.40 -7.82
CA ARG A 344 27.00 -2.53 -8.16
C ARG A 344 27.11 -2.83 -9.62
N GLU A 345 26.99 -4.12 -9.96
CA GLU A 345 27.09 -4.55 -11.35
C GLU A 345 25.71 -4.93 -11.88
N CYS A 346 25.23 -4.20 -12.86
CA CYS A 346 24.08 -4.63 -13.62
C CYS A 346 24.49 -4.76 -15.07
N GLU A 347 23.96 -5.77 -15.75
CA GLU A 347 24.33 -6.09 -17.12
C GLU A 347 25.84 -5.96 -17.30
N GLN A 348 26.24 -5.14 -18.28
CA GLN A 348 27.64 -4.92 -18.61
C GLN A 348 28.22 -3.70 -17.88
N TYR A 349 27.40 -3.08 -17.01
CA TYR A 349 27.73 -1.76 -16.44
C TYR A 349 28.12 -1.87 -14.96
N ILE A 350 28.70 -0.79 -14.45
CA ILE A 350 28.90 -0.65 -13.02
C ILE A 350 28.20 0.61 -12.51
N ILE A 351 27.10 0.40 -11.80
CA ILE A 351 26.37 1.47 -11.17
C ILE A 351 27.14 1.92 -9.94
N PRO A 352 27.64 3.18 -9.96
CA PRO A 352 28.48 3.73 -8.88
C PRO A 352 27.82 3.71 -7.50
N LYS A 353 28.64 3.63 -6.46
CA LYS A 353 28.22 3.96 -5.11
C LYS A 353 27.63 5.35 -5.08
N GLY A 354 26.70 5.59 -4.15
CA GLY A 354 26.03 6.89 -4.03
C GLY A 354 24.70 6.95 -4.76
N ASN A 355 24.64 6.32 -5.94
CA ASN A 355 23.42 6.29 -6.75
C ASN A 355 22.21 5.77 -5.98
N ILE A 356 21.03 6.04 -6.52
CA ILE A 356 19.78 5.49 -6.03
C ILE A 356 19.14 4.67 -7.14
N LEU A 357 19.21 3.34 -7.01
CA LEU A 357 18.60 2.40 -7.97
C LEU A 357 17.09 2.40 -7.89
N VAL A 358 16.43 2.21 -9.03
CA VAL A 358 14.97 2.35 -9.09
C VAL A 358 14.33 1.23 -9.92
N VAL A 359 13.26 0.64 -9.39
CA VAL A 359 12.42 -0.27 -10.16
C VAL A 359 10.97 0.16 -10.00
N SER A 360 10.16 -0.13 -11.02
CA SER A 360 8.85 0.48 -11.18
C SER A 360 7.81 -0.57 -11.60
N PRO A 361 6.96 -1.03 -10.65
CA PRO A 361 5.85 -1.98 -10.95
C PRO A 361 4.90 -1.50 -12.05
N SER A 362 4.72 -0.18 -12.15
CA SER A 362 3.93 0.43 -13.19
C SER A 362 4.51 0.13 -14.57
N VAL A 363 5.80 0.43 -14.77
CA VAL A 363 6.44 0.15 -16.07
C VAL A 363 6.33 -1.32 -16.41
N ALA A 364 6.64 -2.18 -15.43
CA ALA A 364 6.59 -3.64 -15.61
C ALA A 364 5.16 -4.12 -15.94
N GLY A 365 4.17 -3.49 -15.31
CA GLY A 365 2.77 -3.76 -15.61
C GLY A 365 2.40 -3.43 -17.05
N ARG A 366 3.27 -2.71 -17.73
CA ARG A 366 2.97 -2.28 -19.08
C ARG A 366 4.09 -2.65 -20.05
N CSO A 367 4.84 -3.69 -19.69
CA CSO A 367 5.94 -4.20 -20.54
CB CSO A 367 7.01 -4.71 -19.57
SG CSO A 367 8.47 -5.16 -20.42
C CSO A 367 5.45 -5.31 -21.46
O CSO A 367 4.99 -6.34 -21.01
OD CSO A 367 7.80 -6.05 -21.75
N THR A 368 5.60 -5.11 -22.78
CA THR A 368 4.84 -5.89 -23.77
C THR A 368 5.39 -7.32 -24.10
N ASP A 369 6.60 -7.64 -23.63
CA ASP A 369 7.07 -9.03 -23.62
C ASP A 369 6.13 -9.85 -22.76
N THR A 370 5.87 -9.32 -21.57
CA THR A 370 5.03 -9.98 -20.58
C THR A 370 3.55 -9.93 -20.97
N TYR A 371 3.02 -8.71 -21.15
CA TYR A 371 1.56 -8.46 -21.20
C TYR A 371 1.10 -7.96 -22.57
N THR A 372 0.05 -8.58 -23.09
CA THR A 372 -0.44 -8.26 -24.43
C THR A 372 -1.67 -7.36 -24.31
N ASN A 373 -1.76 -6.39 -25.21
CA ASN A 373 -2.67 -5.26 -25.06
C ASN A 373 -2.74 -4.78 -23.61
N PRO A 374 -1.61 -4.28 -23.10
CA PRO A 374 -1.46 -3.99 -21.67
C PRO A 374 -2.40 -2.89 -21.15
N ASP A 375 -3.00 -2.12 -22.05
CA ASP A 375 -3.92 -1.06 -21.65
C ASP A 375 -5.35 -1.55 -21.42
N VAL A 376 -5.58 -2.85 -21.54
CA VAL A 376 -6.92 -3.39 -21.31
C VAL A 376 -7.04 -4.13 -19.97
N PHE A 377 -7.85 -3.59 -19.06
CA PHE A 377 -8.34 -4.36 -17.91
C PHE A 377 -9.01 -5.64 -18.40
N ASP A 378 -8.56 -6.79 -17.89
CA ASP A 378 -8.77 -8.10 -18.54
C ASP A 378 -8.29 -9.26 -17.66
N PRO A 379 -8.94 -9.49 -16.50
CA PRO A 379 -8.37 -10.46 -15.56
C PRO A 379 -7.96 -11.81 -16.19
N GLU A 380 -8.51 -12.12 -17.37
CA GLU A 380 -8.26 -13.41 -18.06
C GLU A 380 -6.79 -13.61 -18.46
N ARG A 381 -6.05 -12.52 -18.61
CA ARG A 381 -4.62 -12.58 -18.91
C ARG A 381 -3.83 -13.31 -17.82
N LEU A 382 -4.37 -13.30 -16.59
CA LEU A 382 -3.69 -13.89 -15.43
C LEU A 382 -4.18 -15.30 -15.18
N THR A 383 -5.50 -15.45 -15.04
CA THR A 383 -6.13 -16.75 -14.77
C THR A 383 -5.88 -17.73 -15.90
N GLU A 384 -5.98 -17.25 -17.14
CA GLU A 384 -5.97 -18.13 -18.28
C GLU A 384 -4.66 -18.09 -19.09
N ARG A 385 -4.31 -16.94 -19.64
CA ARG A 385 -3.05 -16.83 -20.41
C ARG A 385 -1.82 -16.69 -19.47
N LYS A 386 -2.06 -16.92 -18.18
CA LYS A 386 -1.00 -16.94 -17.15
C LYS A 386 0.22 -16.06 -17.51
N GLU A 387 -0.03 -14.84 -17.98
CA GLU A 387 1.02 -14.00 -18.56
C GLU A 387 2.02 -13.57 -17.48
N HIS A 388 1.53 -13.44 -16.25
CA HIS A 388 2.35 -12.94 -15.16
C HIS A 388 3.41 -13.96 -14.81
N GLU A 389 3.19 -15.19 -15.21
CA GLU A 389 4.07 -16.27 -14.85
C GLU A 389 5.27 -16.36 -15.79
N LYS A 390 5.24 -15.60 -16.89
CA LYS A 390 6.38 -15.56 -17.80
C LYS A 390 7.68 -15.37 -17.03
N PHE A 391 8.00 -14.13 -16.69
CA PHE A 391 9.22 -13.83 -15.97
C PHE A 391 9.01 -13.97 -14.48
N LYS A 392 10.11 -14.03 -13.73
CA LYS A 392 10.05 -14.26 -12.29
C LYS A 392 9.78 -12.96 -11.53
N TYR A 393 10.19 -11.85 -12.11
CA TYR A 393 9.94 -10.54 -11.54
C TYR A 393 9.05 -9.72 -12.48
N GLY A 394 8.29 -10.43 -13.32
CA GLY A 394 7.42 -9.79 -14.33
C GLY A 394 6.12 -9.22 -13.77
N ALA A 395 5.95 -9.27 -12.44
CA ALA A 395 4.76 -8.72 -11.79
C ALA A 395 5.02 -8.49 -10.32
N VAL A 396 5.15 -7.22 -9.91
CA VAL A 396 5.81 -6.87 -8.64
C VAL A 396 5.05 -5.80 -7.79
N PRO A 397 3.72 -5.84 -7.78
CA PRO A 397 3.03 -4.79 -7.00
C PRO A 397 3.36 -4.81 -5.49
N PHE A 398 3.70 -5.97 -4.94
CA PHE A 398 4.03 -6.11 -3.50
C PHE A 398 5.53 -6.33 -3.24
N GLY A 399 6.37 -5.91 -4.19
CA GLY A 399 7.78 -6.10 -4.06
C GLY A 399 8.12 -7.55 -4.22
N ALA A 400 9.30 -7.92 -3.75
CA ALA A 400 9.84 -9.25 -3.90
C ALA A 400 11.10 -9.28 -3.08
N GLY A 401 11.47 -10.45 -2.60
CA GLY A 401 12.77 -10.64 -1.96
C GLY A 401 12.74 -10.22 -0.51
N ARG A 402 13.86 -9.69 -0.03
CA ARG A 402 14.08 -9.56 1.40
C ARG A 402 13.04 -8.62 2.04
N HIS A 403 12.44 -7.74 1.25
CA HIS A 403 11.44 -6.80 1.78
C HIS A 403 10.05 -6.86 1.11
N LYS A 404 9.80 -7.86 0.27
CA LYS A 404 8.43 -8.15 -0.17
C LYS A 404 7.37 -7.68 0.90
N CYS A 405 6.18 -7.23 0.46
CA CYS A 405 5.21 -6.66 1.41
C CYS A 405 4.75 -7.69 2.41
N ILE A 406 4.89 -7.38 3.69
CA ILE A 406 4.33 -8.23 4.74
C ILE A 406 2.82 -7.98 4.94
N GLY A 407 2.22 -7.15 4.09
CA GLY A 407 0.78 -6.83 4.21
C GLY A 407 -0.10 -7.48 3.14
N GLU A 408 0.53 -8.21 2.21
CA GLU A 408 -0.11 -8.72 1.00
C GLU A 408 -1.43 -9.42 1.30
N ASN A 409 -1.41 -10.39 2.18
CA ASN A 409 -2.59 -11.17 2.47
C ASN A 409 -3.68 -10.38 3.19
N PHE A 410 -3.31 -9.40 4.01
CA PHE A 410 -4.33 -8.58 4.67
C PHE A 410 -4.91 -7.62 3.67
N ALA A 411 -4.06 -7.16 2.75
CA ALA A 411 -4.52 -6.30 1.69
C ALA A 411 -5.66 -6.97 0.96
N LEU A 412 -5.37 -8.17 0.45
CA LEU A 412 -6.31 -8.97 -0.35
C LEU A 412 -7.54 -9.27 0.44
N LEU A 413 -7.37 -9.67 1.69
CA LEU A 413 -8.50 -9.91 2.53
C LEU A 413 -9.36 -8.65 2.57
N GLN A 414 -8.69 -7.50 2.67
CA GLN A 414 -9.38 -6.25 2.90
C GLN A 414 -10.11 -5.75 1.66
N VAL A 415 -9.47 -5.84 0.50
CA VAL A 415 -10.07 -5.24 -0.71
C VAL A 415 -11.22 -6.11 -1.22
N LYS A 416 -11.03 -7.43 -1.14
CA LYS A 416 -12.04 -8.36 -1.58
C LYS A 416 -13.23 -8.36 -0.66
N SER A 417 -13.00 -8.27 0.63
CA SER A 417 -14.12 -8.21 1.55
C SER A 417 -14.96 -6.97 1.31
N ILE A 418 -14.30 -5.85 1.04
CA ILE A 418 -14.99 -4.56 0.90
C ILE A 418 -15.85 -4.53 -0.37
N ILE A 419 -15.27 -5.01 -1.46
CA ILE A 419 -15.96 -5.00 -2.75
C ILE A 419 -17.07 -6.04 -2.78
N SER A 420 -16.77 -7.23 -2.29
CA SER A 420 -17.76 -8.29 -2.21
C SER A 420 -18.96 -7.88 -1.34
N ILE A 421 -18.71 -7.36 -0.15
CA ILE A 421 -19.82 -6.91 0.68
C ILE A 421 -20.60 -5.78 -0.01
N LEU A 422 -19.90 -4.94 -0.77
CA LEU A 422 -20.57 -3.78 -1.36
C LEU A 422 -21.58 -4.23 -2.42
N LEU A 423 -21.12 -5.15 -3.28
CA LEU A 423 -21.92 -5.71 -4.38
C LEU A 423 -23.11 -6.52 -3.88
N ARG A 424 -23.00 -7.11 -2.70
CA ARG A 424 -24.19 -7.64 -2.04
C ARG A 424 -25.25 -6.55 -1.88
N TYR A 425 -24.86 -5.43 -1.29
CA TYR A 425 -25.80 -4.34 -0.99
C TYR A 425 -26.31 -3.59 -2.23
N PHE A 426 -25.43 -3.38 -3.21
CA PHE A 426 -25.67 -2.34 -4.20
C PHE A 426 -25.52 -2.85 -5.61
N ASP A 427 -26.42 -2.40 -6.48
CA ASP A 427 -26.12 -2.26 -7.89
C ASP A 427 -25.46 -0.93 -8.01
N MET A 428 -24.41 -0.87 -8.82
CA MET A 428 -23.62 0.33 -8.91
C MET A 428 -23.14 0.46 -10.32
N GLU A 429 -22.97 1.70 -10.76
CA GLU A 429 -22.44 1.97 -12.08
C GLU A 429 -21.60 3.23 -12.02
N TYR A 430 -20.53 3.24 -12.82
CA TYR A 430 -19.57 4.34 -12.80
C TYR A 430 -19.98 5.37 -13.84
N ILE A 431 -19.41 6.58 -13.73
CA ILE A 431 -19.95 7.77 -14.40
C ILE A 431 -18.86 8.43 -15.29
N GLY A 432 -18.64 7.89 -16.48
CA GLY A 432 -17.67 8.45 -17.42
C GLY A 432 -16.44 7.56 -17.58
N LYS A 433 -15.48 8.02 -18.36
CA LYS A 433 -14.20 7.31 -18.54
C LYS A 433 -13.52 6.98 -17.20
N ILE A 434 -12.82 5.85 -17.17
CA ILE A 434 -11.90 5.55 -16.09
C ILE A 434 -10.80 6.61 -16.10
N PRO A 435 -10.54 7.25 -14.94
CA PRO A 435 -9.55 8.34 -14.95
C PRO A 435 -8.13 7.83 -15.17
N ASP A 436 -7.21 8.77 -15.43
CA ASP A 436 -5.79 8.49 -15.42
C ASP A 436 -5.24 8.50 -13.99
N PRO A 437 -4.01 7.99 -13.81
CA PRO A 437 -3.37 8.13 -12.50
C PRO A 437 -2.87 9.55 -12.27
N SER A 438 -3.05 10.04 -11.06
CA SER A 438 -2.57 11.36 -10.66
C SER A 438 -1.24 11.27 -9.89
N TYR A 439 -0.14 11.67 -10.55
CA TYR A 439 1.19 11.64 -9.93
C TYR A 439 1.45 12.88 -9.07
N THR A 440 0.68 13.01 -7.99
CA THR A 440 0.80 14.16 -7.08
C THR A 440 1.13 13.73 -5.66
N SER A 441 0.93 12.45 -5.37
CA SER A 441 1.09 11.98 -4.02
C SER A 441 2.16 10.89 -3.94
N LEU A 442 2.43 10.45 -2.72
CA LEU A 442 3.44 9.44 -2.46
C LEU A 442 2.89 8.06 -2.82
N VAL A 443 1.69 7.78 -2.34
CA VAL A 443 0.85 6.73 -2.87
C VAL A 443 -0.02 7.30 -4.01
N VAL A 444 0.34 6.93 -5.24
CA VAL A 444 -0.40 7.36 -6.44
C VAL A 444 -1.81 6.73 -6.50
N GLY A 445 -2.76 7.44 -7.13
CA GLY A 445 -4.16 7.00 -7.19
C GLY A 445 -4.90 7.62 -8.37
N PRO A 446 -6.19 7.25 -8.56
CA PRO A 446 -7.01 7.81 -9.66
C PRO A 446 -7.24 9.30 -9.53
N SER A 447 -7.04 10.04 -10.63
CA SER A 447 -7.43 11.46 -10.70
C SER A 447 -8.90 11.67 -10.33
N PRO A 448 -9.19 12.62 -9.43
CA PRO A 448 -10.59 12.98 -9.13
C PRO A 448 -11.24 13.85 -10.22
N PRO A 449 -12.58 13.78 -10.34
CA PRO A 449 -13.45 13.02 -9.44
C PRO A 449 -13.64 11.59 -9.92
N THR A 450 -14.14 10.73 -9.02
CA THR A 450 -14.43 9.34 -9.37
C THR A 450 -15.78 8.99 -8.81
N ARG A 451 -16.81 9.17 -9.63
CA ARG A 451 -18.17 9.20 -9.18
C ARG A 451 -18.85 7.94 -9.64
N MET A 452 -19.80 7.44 -8.86
CA MET A 452 -20.62 6.31 -9.29
C MET A 452 -22.02 6.36 -8.68
N ARG A 453 -23.00 5.89 -9.46
CA ARG A 453 -24.33 5.72 -8.98
C ARG A 453 -24.43 4.37 -8.37
N TYR A 454 -25.15 4.31 -7.26
CA TYR A 454 -25.39 3.09 -6.53
C TYR A 454 -26.86 3.08 -6.17
N LYS A 455 -27.48 1.91 -6.22
CA LYS A 455 -28.78 1.75 -5.66
C LYS A 455 -28.81 0.48 -4.88
N LEU A 456 -29.43 0.55 -3.70
CA LEU A 456 -29.63 -0.61 -2.83
C LEU A 456 -30.21 -1.78 -3.64
N ARG A 457 -30.43 -2.92 -2.99
CA ARG A 457 -30.86 -4.16 -3.69
C ARG A 457 -31.95 -5.00 -2.96
N LYS A 458 -32.32 -4.62 -1.74
CA LYS A 458 -33.46 -5.24 -1.08
C LYS A 458 -34.39 -4.19 -0.48
F1 VOR B . 4.55 3.58 3.88
F2 VOR B . 5.40 5.61 0.49
F3 VOR B . 5.72 0.84 7.55
O4 VOR B . 6.75 1.01 1.40
N5 VOR B . 3.79 0.65 1.72
N6 VOR B . 7.66 2.88 -0.29
N7 VOR B . 2.47 0.77 2.14
N8 VOR B . 3.01 -1.32 1.76
N9 VOR B . 7.28 4.19 -2.21
C10 VOR B . 5.94 1.97 2.06
C11 VOR B . 6.62 3.32 1.85
C12 VOR B . 4.50 1.93 1.50
C13 VOR B . 5.91 1.66 3.52
C14 VOR B . 8.00 3.29 2.45
C15 VOR B . 6.80 3.62 0.42
C16 VOR B . 5.18 2.54 4.41
C17 VOR B . 6.57 0.57 4.03
C18 VOR B . 6.24 4.83 -0.20
C19 VOR B . 5.06 2.22 5.75
C20 VOR B . 6.52 0.32 5.40
C21 VOR B . 4.08 -0.59 1.41
C22 VOR B . 5.77 1.13 6.24
C23 VOR B . 6.49 5.04 -1.55
C24 VOR B . 7.87 3.14 -1.60
C25 VOR B . 2.02 -0.49 2.21
CHA HEM C . 6.50 -3.29 1.62
CHB HEM C . 3.22 -2.71 -1.77
CHC HEM C . -0.35 -3.25 1.51
CHD HEM C . 3.02 -3.18 4.93
C1A HEM C . 5.88 -3.19 0.44
C2A HEM C . 6.54 -3.10 -0.80
C3A HEM C . 5.60 -2.96 -1.75
C4A HEM C . 4.37 -2.89 -1.12
CMA HEM C . 5.83 -2.83 -3.22
CAA HEM C . 8.00 -3.24 -1.04
CBA HEM C . 8.75 -1.97 -0.62
CGA HEM C . 10.18 -1.99 -1.11
O1A HEM C . 10.83 -0.94 -1.19
O2A HEM C . 10.72 -3.07 -1.45
C1B HEM C . 1.98 -2.81 -1.15
C2B HEM C . 0.83 -2.76 -1.89
C3B HEM C . -0.21 -2.91 -1.05
C4B HEM C . 0.38 -3.08 0.31
CMB HEM C . 0.72 -2.60 -3.37
CAB HEM C . -1.62 -2.94 -1.54
CBB HEM C . -2.65 -3.01 -0.71
C1C HEM C . 0.28 -3.29 2.75
C2C HEM C . -0.34 -3.46 3.99
C3C HEM C . 0.66 -3.50 4.94
C4C HEM C . 1.86 -3.30 4.29
CMC HEM C . -1.82 -3.62 4.22
CAC HEM C . 0.55 -3.53 6.40
CBC HEM C . -0.61 -3.33 7.00
C1D HEM C . 4.22 -3.21 4.27
C2D HEM C . 5.46 -3.29 5.01
C3D HEM C . 6.44 -3.37 4.10
C4D HEM C . 5.78 -3.28 2.80
CMD HEM C . 5.63 -3.26 6.50
CAD HEM C . 7.91 -3.35 4.39
CBD HEM C . 8.57 -4.69 4.05
CGD HEM C . 10.02 -4.68 4.51
O1D HEM C . 10.53 -3.63 4.96
O2D HEM C . 10.72 -5.72 4.45
NA HEM C . 4.55 -3.00 0.21
NB HEM C . 1.70 -2.97 0.14
NC HEM C . 1.62 -3.16 2.99
ND HEM C . 4.45 -3.21 2.96
FE HEM C . 3.14 -3.13 1.60
#